data_9DGD
#
_entry.id   9DGD
#
_cell.length_a   104.020
_cell.length_b   104.020
_cell.length_c   82.597
_cell.angle_alpha   90.000
_cell.angle_beta   90.000
_cell.angle_gamma   120.000
#
_symmetry.space_group_name_H-M   'P 32 2 1'
#
loop_
_entity.id
_entity.type
_entity.pdbx_description
1 polymer 'Tetrahydroprotoberberine N-methyltransferase'
2 non-polymer S-ADENOSYL-L-HOMOCYSTEINE
3 non-polymer Boldine
4 water water
#
_entity_poly.entity_id   1
_entity_poly.type   'polypeptide(L)'
_entity_poly.pdbx_seq_one_letter_code
;MGSSHHHHHHGTGSYITSLYKKAGWMGSNEAQVKKESIGEIMGKLMQGEIGDEELSKRIKEIFGKRLQWGYKPTHQQQLA
FNLDFIKSLKEMDMSGEIDTMNEETYELPSAFLEAAFGKTIKQSGCYFKDETTTIDEAEEASHELYCERAQIKDGQTVLD
IGCGQGGLVLHIAQKYKNCHVTGLTNSKAQKNYILMQAEKLQLSNVDVILADVTKHESDKTYDRILVIETIEHMKNIQLF
MKKLSTWMTEDSLLFVDHICHKTFSHHFEAIDEDDWYSGFIFPKGCVTILSASALLYFQDDVTILDHWVVNGMHMARSVD
AWRKKLDKNMELAREILLPGLGSKEAVNGVITHIRTFCMGGYEQFSYNNGEEWMVAQMLFKKK
;
_entity_poly.pdbx_strand_id   A
#
# COMPACT_ATOMS: atom_id res chain seq x y z
N GLU A 36 0.12 -27.87 18.01
CA GLU A 36 0.53 -27.85 16.58
C GLU A 36 1.51 -26.69 16.34
N SER A 37 2.61 -27.01 15.66
CA SER A 37 3.68 -26.06 15.42
C SER A 37 3.35 -25.15 14.24
N ILE A 38 4.21 -24.14 14.02
CA ILE A 38 4.18 -23.31 12.83
C ILE A 38 4.39 -24.20 11.61
N GLY A 39 5.45 -25.03 11.64
CA GLY A 39 5.81 -25.90 10.54
C GLY A 39 4.64 -26.75 10.06
N GLU A 40 3.86 -27.26 11.03
CA GLU A 40 2.70 -28.08 10.76
C GLU A 40 1.66 -27.29 9.98
N ILE A 41 1.33 -26.09 10.47
CA ILE A 41 0.32 -25.26 9.83
C ILE A 41 0.82 -24.88 8.43
N MET A 42 2.09 -24.49 8.35
CA MET A 42 2.69 -24.04 7.10
C MET A 42 2.66 -25.17 6.07
N GLY A 43 2.98 -26.39 6.53
CA GLY A 43 2.94 -27.58 5.68
C GLY A 43 1.57 -27.77 5.04
N LYS A 44 0.53 -27.75 5.87
CA LYS A 44 -0.83 -27.97 5.41
C LYS A 44 -1.25 -26.86 4.43
N LEU A 45 -0.80 -25.63 4.72
CA LEU A 45 -1.18 -24.46 3.95
C LEU A 45 -0.64 -24.60 2.52
N MET A 46 0.64 -24.97 2.41
CA MET A 46 1.34 -25.10 1.14
C MET A 46 0.72 -26.23 0.30
N GLN A 47 0.08 -27.20 0.97
CA GLN A 47 -0.50 -28.36 0.30
C GLN A 47 -1.96 -28.15 -0.05
N GLY A 48 -2.47 -26.94 0.25
CA GLY A 48 -3.86 -26.60 -0.03
C GLY A 48 -4.83 -27.46 0.78
N GLU A 49 -4.40 -27.87 1.98
CA GLU A 49 -5.18 -28.77 2.81
C GLU A 49 -5.92 -28.00 3.91
N ILE A 50 -5.69 -26.68 4.00
CA ILE A 50 -6.49 -25.83 4.87
C ILE A 50 -7.57 -25.20 4.01
N GLY A 51 -8.84 -25.51 4.32
CA GLY A 51 -9.96 -24.90 3.63
C GLY A 51 -10.03 -23.39 3.94
N ASP A 52 -10.74 -22.65 3.10
CA ASP A 52 -10.79 -21.19 3.22
C ASP A 52 -11.40 -20.77 4.55
N GLU A 53 -12.46 -21.46 4.95
CA GLU A 53 -13.18 -21.16 6.19
C GLU A 53 -12.22 -21.22 7.39
N GLU A 54 -11.42 -22.29 7.47
CA GLU A 54 -10.47 -22.45 8.56
C GLU A 54 -9.34 -21.44 8.44
N LEU A 55 -8.90 -21.17 7.21
CA LEU A 55 -7.80 -20.26 6.99
C LEU A 55 -8.21 -18.86 7.49
N SER A 56 -9.41 -18.43 7.10
CA SER A 56 -9.92 -17.13 7.48
C SER A 56 -10.03 -17.04 8.99
N LYS A 57 -10.58 -18.11 9.60
CA LYS A 57 -10.77 -18.15 11.04
C LYS A 57 -9.44 -18.01 11.75
N ARG A 58 -8.41 -18.71 11.25
CA ARG A 58 -7.11 -18.71 11.90
C ARG A 58 -6.48 -17.33 11.84
N ILE A 59 -6.60 -16.67 10.68
CA ILE A 59 -5.95 -15.38 10.49
C ILE A 59 -6.70 -14.33 11.28
N LYS A 60 -8.04 -14.43 11.30
CA LYS A 60 -8.84 -13.50 12.09
C LYS A 60 -8.40 -13.51 13.56
N GLU A 61 -8.10 -14.70 14.09
N GLU A 61 -8.12 -14.71 14.08
CA GLU A 61 -7.71 -14.86 15.49
CA GLU A 61 -7.71 -14.90 15.47
C GLU A 61 -6.37 -14.19 15.76
C GLU A 61 -6.39 -14.19 15.74
N ILE A 62 -5.47 -14.26 14.77
CA ILE A 62 -4.16 -13.63 14.90
C ILE A 62 -4.34 -12.12 15.00
N PHE A 63 -5.22 -11.55 14.16
CA PHE A 63 -5.48 -10.11 14.20
C PHE A 63 -6.18 -9.72 15.50
N GLY A 64 -7.13 -10.56 15.94
CA GLY A 64 -7.78 -10.36 17.23
C GLY A 64 -6.77 -10.18 18.37
N LYS A 65 -5.71 -10.98 18.37
CA LYS A 65 -4.68 -10.88 19.41
C LYS A 65 -3.91 -9.57 19.29
N ARG A 66 -3.74 -9.09 18.05
N ARG A 66 -3.77 -9.09 18.06
CA ARG A 66 -3.07 -7.81 17.85
CA ARG A 66 -3.09 -7.82 17.82
C ARG A 66 -3.91 -6.69 18.45
C ARG A 66 -3.91 -6.67 18.40
N LEU A 67 -5.24 -6.76 18.27
CA LEU A 67 -6.15 -5.77 18.87
C LEU A 67 -6.02 -5.77 20.40
N GLN A 68 -5.92 -6.96 21.00
CA GLN A 68 -5.76 -7.04 22.46
C GLN A 68 -4.43 -6.42 22.88
N TRP A 69 -3.40 -6.61 22.07
CA TRP A 69 -2.09 -6.06 22.34
C TRP A 69 -2.11 -4.53 22.28
N GLY A 70 -2.92 -3.98 21.37
CA GLY A 70 -2.79 -2.56 21.03
C GLY A 70 -3.70 -1.63 21.81
N TYR A 71 -4.88 -2.12 22.23
CA TYR A 71 -5.84 -1.31 22.96
C TYR A 71 -5.48 -1.29 24.45
N LYS A 72 -5.42 -0.09 25.04
CA LYS A 72 -5.15 0.07 26.45
C LYS A 72 -6.43 0.44 27.21
N PRO A 73 -6.49 0.19 28.54
CA PRO A 73 -7.68 0.45 29.34
C PRO A 73 -8.09 1.91 29.53
N THR A 74 -7.14 2.84 29.41
CA THR A 74 -7.41 4.26 29.61
C THR A 74 -6.74 5.03 28.49
N HIS A 75 -7.22 6.26 28.22
CA HIS A 75 -6.59 7.10 27.22
C HIS A 75 -5.18 7.47 27.67
N GLN A 76 -5.00 7.64 28.99
CA GLN A 76 -3.68 7.92 29.54
C GLN A 76 -2.69 6.84 29.08
N GLN A 77 -3.08 5.58 29.26
CA GLN A 77 -2.21 4.48 28.88
C GLN A 77 -2.11 4.35 27.36
N GLN A 78 -3.22 4.64 26.67
CA GLN A 78 -3.16 4.54 25.20
C GLN A 78 -2.12 5.52 24.65
N LEU A 79 -2.14 6.78 25.13
CA LEU A 79 -1.19 7.77 24.66
C LEU A 79 0.24 7.41 25.06
N ALA A 80 0.42 6.84 26.26
CA ALA A 80 1.76 6.43 26.66
C ALA A 80 2.31 5.39 25.68
N PHE A 81 1.46 4.41 25.35
CA PHE A 81 1.80 3.34 24.45
C PHE A 81 2.11 3.93 23.07
N ASN A 82 1.23 4.82 22.60
CA ASN A 82 1.39 5.36 21.24
C ASN A 82 2.63 6.24 21.15
N LEU A 83 2.90 7.06 22.18
CA LEU A 83 4.06 7.94 22.14
C LEU A 83 5.35 7.15 22.24
N ASP A 84 5.34 6.05 22.99
CA ASP A 84 6.51 5.18 23.05
C ASP A 84 6.85 4.68 21.64
N PHE A 85 5.82 4.29 20.89
CA PHE A 85 6.03 3.80 19.53
C PHE A 85 6.62 4.91 18.64
N ILE A 86 6.04 6.12 18.71
N ILE A 86 6.00 6.10 18.70
CA ILE A 86 6.47 7.25 17.89
CA ILE A 86 6.44 7.26 17.93
C ILE A 86 7.91 7.64 18.24
C ILE A 86 7.91 7.54 18.24
N LYS A 87 8.25 7.60 19.53
CA LYS A 87 9.61 7.87 19.95
C LYS A 87 10.58 6.82 19.39
N SER A 88 10.16 5.56 19.36
CA SER A 88 11.02 4.50 18.85
C SER A 88 11.33 4.72 17.38
N LEU A 89 10.34 5.18 16.61
CA LEU A 89 10.52 5.43 15.18
C LEU A 89 11.60 6.48 14.97
N LYS A 90 11.67 7.43 15.90
CA LYS A 90 12.54 8.59 15.70
C LYS A 90 13.99 8.24 16.02
N GLU A 91 14.23 7.01 16.48
CA GLU A 91 15.59 6.53 16.75
C GLU A 91 16.16 5.75 15.57
N MET A 92 15.26 5.19 14.73
CA MET A 92 15.62 4.22 13.71
C MET A 92 16.37 4.88 12.54
N TYR A 106 13.79 -11.17 -7.18
CA TYR A 106 12.84 -11.74 -8.19
C TYR A 106 11.62 -10.84 -8.30
N GLU A 107 11.20 -10.57 -9.55
CA GLU A 107 10.01 -9.76 -9.81
C GLU A 107 9.01 -10.57 -10.63
N LEU A 108 7.74 -10.48 -10.23
CA LEU A 108 6.66 -11.18 -10.91
C LEU A 108 6.51 -10.63 -12.34
N PRO A 109 6.31 -11.50 -13.35
CA PRO A 109 6.03 -11.03 -14.70
C PRO A 109 4.76 -10.19 -14.79
N SER A 110 4.74 -9.20 -15.68
CA SER A 110 3.62 -8.28 -15.75
C SER A 110 2.35 -9.01 -16.17
N ALA A 111 2.48 -10.08 -16.96
CA ALA A 111 1.34 -10.89 -17.37
C ALA A 111 0.65 -11.52 -16.17
N PHE A 112 1.44 -11.91 -15.16
CA PHE A 112 0.88 -12.47 -13.94
C PHE A 112 0.15 -11.37 -13.16
N LEU A 113 0.82 -10.21 -13.00
CA LEU A 113 0.20 -9.10 -12.29
C LEU A 113 -1.13 -8.71 -12.95
N GLU A 114 -1.15 -8.72 -14.29
CA GLU A 114 -2.35 -8.37 -15.05
C GLU A 114 -3.46 -9.39 -14.80
N ALA A 115 -3.08 -10.63 -14.48
CA ALA A 115 -4.06 -11.70 -14.29
C ALA A 115 -4.65 -11.67 -12.88
N ALA A 116 -3.96 -11.01 -11.92
CA ALA A 116 -4.37 -11.03 -10.53
C ALA A 116 -4.96 -9.68 -10.08
N PHE A 117 -4.41 -8.57 -10.56
CA PHE A 117 -4.84 -7.25 -10.12
C PHE A 117 -5.78 -6.63 -11.14
N GLY A 118 -6.27 -5.42 -10.83
CA GLY A 118 -7.10 -4.68 -11.76
C GLY A 118 -6.30 -4.14 -12.95
N LYS A 119 -7.01 -3.42 -13.83
CA LYS A 119 -6.50 -3.04 -15.14
C LYS A 119 -5.18 -2.27 -15.06
N THR A 120 -5.05 -1.34 -14.10
CA THR A 120 -3.84 -0.55 -13.99
C THR A 120 -2.88 -1.14 -12.95
N ILE A 121 -3.16 -2.36 -12.47
CA ILE A 121 -2.33 -3.09 -11.52
C ILE A 121 -2.06 -2.22 -10.29
N LYS A 122 -3.13 -1.59 -9.78
CA LYS A 122 -3.00 -0.79 -8.57
C LYS A 122 -2.73 -1.75 -7.41
N GLN A 123 -1.74 -1.38 -6.59
CA GLN A 123 -1.35 -2.21 -5.45
C GLN A 123 -1.49 -1.38 -4.18
N SER A 124 -2.73 -1.00 -3.89
CA SER A 124 -3.08 -0.17 -2.75
C SER A 124 -4.60 -0.27 -2.64
N GLY A 125 -5.15 0.18 -1.50
CA GLY A 125 -6.58 0.13 -1.30
C GLY A 125 -7.29 0.95 -2.38
N CYS A 126 -8.42 0.40 -2.87
CA CYS A 126 -9.23 1.05 -3.90
C CYS A 126 -10.52 1.55 -3.25
N TYR A 127 -11.45 2.09 -4.05
CA TYR A 127 -12.60 2.73 -3.46
C TYR A 127 -13.85 2.21 -4.18
N PHE A 128 -14.76 1.59 -3.42
CA PHE A 128 -15.89 0.89 -4.01
C PHE A 128 -17.18 1.60 -3.63
N LYS A 129 -17.79 2.28 -4.61
CA LYS A 129 -19.06 2.93 -4.31
C LYS A 129 -20.16 1.92 -4.00
N ASP A 130 -20.29 0.89 -4.86
CA ASP A 130 -21.39 -0.06 -4.81
C ASP A 130 -20.89 -1.48 -4.56
N GLU A 131 -21.84 -2.38 -4.29
CA GLU A 131 -21.54 -3.79 -4.09
C GLU A 131 -21.03 -4.40 -5.39
N THR A 132 -21.50 -3.85 -6.52
CA THR A 132 -21.15 -4.40 -7.81
C THR A 132 -20.05 -3.58 -8.50
N THR A 133 -19.44 -2.61 -7.79
CA THR A 133 -18.31 -1.88 -8.36
C THR A 133 -17.23 -2.91 -8.67
N THR A 134 -16.66 -2.87 -9.88
CA THR A 134 -15.60 -3.78 -10.27
C THR A 134 -14.28 -3.23 -9.74
N ILE A 135 -13.25 -4.10 -9.70
CA ILE A 135 -11.93 -3.64 -9.32
C ILE A 135 -11.43 -2.55 -10.27
N ASP A 136 -11.73 -2.66 -11.58
CA ASP A 136 -11.29 -1.62 -12.51
C ASP A 136 -11.93 -0.28 -12.16
N GLU A 137 -13.23 -0.28 -11.86
CA GLU A 137 -13.94 0.92 -11.47
C GLU A 137 -13.39 1.47 -10.15
N ALA A 138 -13.08 0.56 -9.23
CA ALA A 138 -12.60 0.96 -7.91
C ALA A 138 -11.22 1.60 -7.98
N GLU A 139 -10.34 1.10 -8.85
CA GLU A 139 -9.04 1.74 -9.09
C GLU A 139 -9.25 3.18 -9.57
N GLU A 140 -10.12 3.36 -10.56
CA GLU A 140 -10.35 4.67 -11.14
C GLU A 140 -10.92 5.63 -10.08
N ALA A 141 -11.88 5.14 -9.29
CA ALA A 141 -12.51 5.95 -8.24
C ALA A 141 -11.47 6.39 -7.20
N SER A 142 -10.52 5.51 -6.89
N SER A 142 -10.53 5.48 -6.90
CA SER A 142 -9.52 5.88 -5.89
CA SER A 142 -9.49 5.76 -5.93
C SER A 142 -8.51 6.86 -6.49
C SER A 142 -8.54 6.82 -6.50
N HIS A 143 -8.16 6.68 -7.76
CA HIS A 143 -7.33 7.67 -8.45
C HIS A 143 -8.01 9.05 -8.40
N GLU A 144 -9.32 9.08 -8.64
N GLU A 144 -9.32 9.07 -8.66
CA GLU A 144 -10.05 10.34 -8.65
CA GLU A 144 -10.09 10.31 -8.65
C GLU A 144 -10.10 10.96 -7.24
C GLU A 144 -10.07 10.93 -7.25
N LEU A 145 -10.29 10.10 -6.22
CA LEU A 145 -10.26 10.54 -4.84
C LEU A 145 -8.93 11.22 -4.51
N TYR A 146 -7.81 10.60 -4.90
CA TYR A 146 -6.51 11.19 -4.64
C TYR A 146 -6.39 12.55 -5.36
N CYS A 147 -6.88 12.65 -6.61
CA CYS A 147 -6.75 13.90 -7.34
C CYS A 147 -7.52 15.02 -6.64
N GLU A 148 -8.71 14.72 -6.11
N GLU A 148 -8.69 14.69 -6.09
CA GLU A 148 -9.52 15.68 -5.38
CA GLU A 148 -9.56 15.62 -5.39
C GLU A 148 -8.75 16.10 -4.12
C GLU A 148 -8.89 16.08 -4.08
N ARG A 149 -8.40 15.12 -3.30
CA ARG A 149 -7.88 15.42 -1.97
C ARG A 149 -6.49 16.05 -2.03
N ALA A 150 -5.69 15.71 -3.05
CA ALA A 150 -4.38 16.33 -3.22
C ALA A 150 -4.48 17.65 -4.00
N GLN A 151 -5.69 18.03 -4.42
CA GLN A 151 -5.93 19.31 -5.07
C GLN A 151 -5.08 19.42 -6.34
N ILE A 152 -5.12 18.36 -7.16
CA ILE A 152 -4.41 18.35 -8.44
C ILE A 152 -5.13 19.30 -9.40
N LYS A 153 -4.33 20.11 -10.11
CA LYS A 153 -4.84 21.02 -11.10
C LYS A 153 -3.96 20.96 -12.35
N ASP A 154 -4.59 21.19 -13.52
CA ASP A 154 -3.86 21.14 -14.76
C ASP A 154 -2.70 22.14 -14.72
N GLY A 155 -1.54 21.72 -15.24
CA GLY A 155 -0.35 22.58 -15.29
C GLY A 155 0.68 22.28 -14.20
N GLN A 156 0.29 21.54 -13.15
CA GLN A 156 1.22 21.31 -12.04
C GLN A 156 2.27 20.27 -12.41
N THR A 157 3.44 20.38 -11.77
CA THR A 157 4.42 19.31 -11.71
C THR A 157 4.04 18.37 -10.57
N VAL A 158 4.06 17.07 -10.84
CA VAL A 158 3.55 16.08 -9.90
C VAL A 158 4.60 14.97 -9.78
N LEU A 159 4.91 14.57 -8.53
CA LEU A 159 5.83 13.45 -8.25
C LEU A 159 5.08 12.39 -7.45
N ASP A 160 5.11 11.16 -7.95
CA ASP A 160 4.47 10.02 -7.29
C ASP A 160 5.55 9.09 -6.74
N ILE A 161 5.65 9.03 -5.40
CA ILE A 161 6.78 8.36 -4.74
C ILE A 161 6.44 6.90 -4.47
N GLY A 162 7.28 6.01 -5.02
CA GLY A 162 6.96 4.60 -5.00
C GLY A 162 5.69 4.33 -5.83
N CYS A 163 5.77 4.62 -7.13
CA CYS A 163 4.60 4.71 -8.00
C CYS A 163 4.09 3.34 -8.47
N GLY A 164 4.83 2.26 -8.16
CA GLY A 164 4.35 0.93 -8.49
C GLY A 164 4.29 0.75 -10.00
N GLN A 165 3.16 0.22 -10.48
N GLN A 165 3.16 0.21 -10.50
CA GLN A 165 2.96 0.01 -11.91
CA GLN A 165 2.94 0.02 -11.92
C GLN A 165 2.35 1.26 -12.56
C GLN A 165 2.47 1.31 -12.60
N GLY A 166 2.31 2.38 -11.83
CA GLY A 166 2.08 3.71 -12.37
C GLY A 166 0.64 4.07 -12.72
N GLY A 167 -0.34 3.37 -12.14
CA GLY A 167 -1.74 3.67 -12.41
C GLY A 167 -2.10 5.14 -12.16
N LEU A 168 -1.64 5.70 -11.03
CA LEU A 168 -1.95 7.06 -10.66
C LEU A 168 -1.21 8.03 -11.59
N VAL A 169 0.06 7.73 -11.89
CA VAL A 169 0.85 8.56 -12.79
C VAL A 169 0.13 8.68 -14.14
N LEU A 170 -0.31 7.54 -14.69
CA LEU A 170 -0.98 7.53 -15.99
C LEU A 170 -2.35 8.20 -15.93
N HIS A 171 -3.06 8.05 -14.80
CA HIS A 171 -4.36 8.69 -14.62
C HIS A 171 -4.21 10.21 -14.67
N ILE A 172 -3.25 10.76 -13.91
CA ILE A 172 -3.10 12.20 -13.83
C ILE A 172 -2.61 12.73 -15.19
N ALA A 173 -1.69 12.00 -15.83
CA ALA A 173 -1.10 12.48 -17.06
C ALA A 173 -2.16 12.59 -18.16
N GLN A 174 -3.11 11.64 -18.18
CA GLN A 174 -4.16 11.61 -19.19
C GLN A 174 -5.22 12.66 -18.88
N LYS A 175 -5.57 12.83 -17.59
CA LYS A 175 -6.63 13.76 -17.20
C LYS A 175 -6.19 15.22 -17.31
N TYR A 176 -4.91 15.50 -17.02
CA TYR A 176 -4.38 16.85 -16.98
C TYR A 176 -3.21 16.94 -17.96
N LYS A 177 -3.50 17.29 -19.22
CA LYS A 177 -2.48 17.20 -20.27
C LYS A 177 -1.33 18.20 -20.07
N ASN A 178 -1.57 19.27 -19.30
CA ASN A 178 -0.54 20.28 -19.09
C ASN A 178 0.24 20.00 -17.80
N CYS A 179 -0.15 18.97 -17.05
CA CYS A 179 0.70 18.54 -15.95
C CYS A 179 1.89 17.78 -16.50
N HIS A 180 3.05 17.94 -15.85
N HIS A 180 3.00 17.80 -15.75
CA HIS A 180 4.11 16.97 -16.05
CA HIS A 180 4.17 16.98 -16.04
C HIS A 180 4.09 16.06 -14.82
C HIS A 180 4.40 16.05 -14.85
N VAL A 181 4.15 14.75 -15.06
CA VAL A 181 4.00 13.78 -14.00
C VAL A 181 5.23 12.88 -14.00
N THR A 182 5.86 12.78 -12.82
CA THR A 182 7.04 11.94 -12.65
C THR A 182 6.69 10.85 -11.66
N GLY A 183 6.91 9.58 -12.04
CA GLY A 183 6.86 8.49 -11.08
C GLY A 183 8.27 8.16 -10.60
N LEU A 184 8.40 7.77 -9.32
CA LEU A 184 9.68 7.34 -8.79
C LEU A 184 9.49 5.94 -8.24
N THR A 185 10.31 5.01 -8.72
CA THR A 185 10.24 3.62 -8.27
C THR A 185 11.65 3.06 -8.23
N ASN A 186 11.85 2.06 -7.36
CA ASN A 186 13.14 1.40 -7.24
C ASN A 186 13.21 0.15 -8.13
N SER A 187 12.19 -0.06 -8.96
CA SER A 187 12.10 -1.25 -9.78
C SER A 187 12.25 -0.92 -11.27
N LYS A 188 13.27 -1.51 -11.90
CA LYS A 188 13.49 -1.27 -13.33
C LYS A 188 12.33 -1.83 -14.15
N ALA A 189 11.76 -2.97 -13.72
CA ALA A 189 10.62 -3.56 -14.40
C ALA A 189 9.41 -2.63 -14.36
N GLN A 190 9.18 -1.98 -13.20
CA GLN A 190 8.06 -1.06 -13.09
C GLN A 190 8.29 0.17 -13.99
N LYS A 191 9.53 0.69 -14.00
CA LYS A 191 9.84 1.82 -14.85
C LYS A 191 9.50 1.48 -16.30
N ASN A 192 9.97 0.31 -16.75
CA ASN A 192 9.79 -0.12 -18.13
C ASN A 192 8.30 -0.28 -18.45
N TYR A 193 7.53 -0.81 -17.50
CA TYR A 193 6.10 -1.02 -17.70
C TYR A 193 5.38 0.32 -17.88
N ILE A 194 5.73 1.30 -17.04
CA ILE A 194 5.08 2.60 -17.10
C ILE A 194 5.38 3.30 -18.44
N LEU A 195 6.64 3.25 -18.86
CA LEU A 195 7.04 3.94 -20.08
C LEU A 195 6.35 3.31 -21.29
N MET A 196 6.25 1.99 -21.27
CA MET A 196 5.50 1.30 -22.32
C MET A 196 4.04 1.73 -22.34
N GLN A 197 3.39 1.78 -21.16
CA GLN A 197 1.99 2.19 -21.12
C GLN A 197 1.82 3.63 -21.58
N ALA A 198 2.74 4.52 -21.19
CA ALA A 198 2.65 5.92 -21.59
C ALA A 198 2.70 6.03 -23.12
N GLU A 199 3.57 5.21 -23.72
CA GLU A 199 3.74 5.19 -25.17
C GLU A 199 2.45 4.71 -25.84
N LYS A 200 1.87 3.63 -25.32
CA LYS A 200 0.64 3.08 -25.88
C LYS A 200 -0.54 4.06 -25.75
N LEU A 201 -0.57 4.83 -24.66
CA LEU A 201 -1.67 5.76 -24.40
C LEU A 201 -1.43 7.14 -25.02
N GLN A 202 -0.28 7.33 -25.68
N GLN A 202 -0.34 7.33 -25.78
CA GLN A 202 0.02 8.58 -26.39
CA GLN A 202 0.00 8.59 -26.43
C GLN A 202 0.24 9.72 -25.42
C GLN A 202 0.14 9.69 -25.38
N LEU A 203 0.80 9.38 -24.26
CA LEU A 203 1.07 10.37 -23.22
C LEU A 203 2.50 10.87 -23.37
N SER A 204 2.66 12.19 -23.46
CA SER A 204 3.98 12.75 -23.67
C SER A 204 4.48 13.49 -22.44
N ASN A 205 3.72 13.41 -21.33
CA ASN A 205 4.00 14.23 -20.15
C ASN A 205 4.40 13.36 -18.95
N VAL A 206 4.96 12.17 -19.21
CA VAL A 206 5.36 11.24 -18.15
C VAL A 206 6.86 11.04 -18.19
N ASP A 207 7.49 11.02 -17.00
CA ASP A 207 8.84 10.46 -16.90
C ASP A 207 8.89 9.62 -15.63
N VAL A 208 9.90 8.75 -15.55
CA VAL A 208 10.06 7.86 -14.41
C VAL A 208 11.51 7.96 -13.92
N ILE A 209 11.66 8.20 -12.61
CA ILE A 209 12.96 8.17 -11.96
C ILE A 209 13.13 6.78 -11.36
N LEU A 210 14.22 6.10 -11.74
CA LEU A 210 14.55 4.82 -11.14
C LEU A 210 15.52 5.10 -10.00
N ALA A 211 15.06 4.92 -8.75
CA ALA A 211 15.85 5.28 -7.58
C ALA A 211 15.29 4.66 -6.31
N ASP A 212 16.20 4.40 -5.37
CA ASP A 212 15.80 4.21 -3.99
C ASP A 212 15.54 5.60 -3.42
N VAL A 213 14.28 5.85 -3.01
CA VAL A 213 13.90 7.20 -2.62
C VAL A 213 14.76 7.67 -1.45
N THR A 214 15.22 6.73 -0.59
CA THR A 214 15.98 7.11 0.59
C THR A 214 17.38 7.57 0.22
N LYS A 215 17.79 7.32 -1.02
CA LYS A 215 19.13 7.65 -1.49
C LYS A 215 19.10 8.75 -2.56
N HIS A 216 17.92 9.02 -3.12
CA HIS A 216 17.77 9.95 -4.22
C HIS A 216 18.10 11.38 -3.78
N GLU A 217 19.00 12.02 -4.55
CA GLU A 217 19.38 13.40 -4.27
C GLU A 217 19.03 14.24 -5.50
N SER A 218 18.31 15.34 -5.26
CA SER A 218 17.94 16.21 -6.37
C SER A 218 17.61 17.61 -5.85
N ASP A 219 17.80 18.60 -6.72
N ASP A 219 17.80 18.61 -6.72
CA ASP A 219 17.46 19.98 -6.43
CA ASP A 219 17.44 19.98 -6.41
C ASP A 219 16.05 20.28 -6.94
C ASP A 219 16.04 20.29 -6.94
N LYS A 220 15.49 19.36 -7.74
CA LYS A 220 14.20 19.54 -8.38
C LYS A 220 13.11 19.68 -7.32
N THR A 221 12.12 20.55 -7.58
CA THR A 221 10.95 20.69 -6.71
C THR A 221 9.69 20.43 -7.53
N TYR A 222 8.60 20.12 -6.83
CA TYR A 222 7.36 19.75 -7.48
C TYR A 222 6.19 20.44 -6.77
N ASP A 223 5.16 20.78 -7.55
CA ASP A 223 3.94 21.40 -7.04
C ASP A 223 3.15 20.43 -6.14
N ARG A 224 3.22 19.13 -6.48
CA ARG A 224 2.47 18.13 -5.76
C ARG A 224 3.34 16.89 -5.63
N ILE A 225 3.38 16.36 -4.39
CA ILE A 225 4.03 15.09 -4.12
C ILE A 225 2.98 14.15 -3.54
N LEU A 226 2.88 12.96 -4.12
CA LEU A 226 1.91 11.96 -3.69
C LEU A 226 2.66 10.72 -3.22
N VAL A 227 2.19 10.15 -2.10
CA VAL A 227 2.82 8.95 -1.56
C VAL A 227 1.71 7.98 -1.20
N ILE A 228 1.45 7.00 -2.06
CA ILE A 228 0.33 6.11 -1.89
C ILE A 228 0.83 4.74 -1.42
N GLU A 229 0.57 4.40 -0.16
N GLU A 229 0.63 4.46 -0.12
CA GLU A 229 0.90 3.09 0.40
CA GLU A 229 0.94 3.18 0.53
C GLU A 229 2.39 2.76 0.19
C GLU A 229 2.42 3.08 0.91
N THR A 230 3.28 3.78 0.18
CA THR A 230 4.72 3.58 0.22
C THR A 230 5.30 3.80 1.63
N ILE A 231 4.69 4.66 2.45
CA ILE A 231 5.31 5.08 3.70
C ILE A 231 5.40 3.90 4.68
N GLU A 232 4.54 2.89 4.51
N GLU A 232 4.56 2.87 4.51
CA GLU A 232 4.54 1.70 5.35
CA GLU A 232 4.60 1.72 5.40
C GLU A 232 5.87 0.95 5.23
C GLU A 232 5.93 1.00 5.27
N HIS A 233 6.65 1.25 4.17
CA HIS A 233 7.88 0.55 3.86
C HIS A 233 9.11 1.38 4.25
N MET A 234 8.87 2.58 4.79
CA MET A 234 9.96 3.51 4.99
C MET A 234 10.55 3.29 6.37
N LYS A 235 11.85 2.99 6.41
CA LYS A 235 12.51 2.64 7.67
C LYS A 235 12.70 3.88 8.55
N ASN A 236 12.98 5.03 7.92
CA ASN A 236 13.22 6.26 8.67
C ASN A 236 12.25 7.37 8.24
N ILE A 237 11.16 7.53 8.98
CA ILE A 237 10.03 8.35 8.54
C ILE A 237 10.36 9.83 8.70
N GLN A 238 11.01 10.20 9.81
CA GLN A 238 11.35 11.59 10.06
C GLN A 238 12.26 12.10 8.94
N LEU A 239 13.26 11.29 8.58
CA LEU A 239 14.19 11.62 7.51
C LEU A 239 13.47 11.63 6.15
N PHE A 240 12.50 10.71 5.98
CA PHE A 240 11.73 10.64 4.76
C PHE A 240 10.94 11.93 4.56
N MET A 241 10.19 12.35 5.59
CA MET A 241 9.37 13.56 5.50
C MET A 241 10.26 14.78 5.29
N LYS A 242 11.43 14.80 5.94
CA LYS A 242 12.38 15.88 5.75
C LYS A 242 12.84 15.94 4.30
N LYS A 243 13.20 14.80 3.71
CA LYS A 243 13.65 14.76 2.33
C LYS A 243 12.56 15.29 1.39
N LEU A 244 11.31 14.85 1.61
CA LEU A 244 10.18 15.29 0.79
C LEU A 244 10.04 16.81 0.85
N SER A 245 10.24 17.39 2.03
CA SER A 245 10.05 18.83 2.19
C SER A 245 11.07 19.60 1.35
N THR A 246 12.26 19.02 1.13
CA THR A 246 13.29 19.68 0.31
C THR A 246 12.92 19.67 -1.17
N TRP A 247 11.92 18.85 -1.54
CA TRP A 247 11.47 18.79 -2.92
C TRP A 247 10.18 19.58 -3.11
N MET A 248 9.85 20.41 -2.13
CA MET A 248 8.67 21.24 -2.16
C MET A 248 9.08 22.71 -2.12
N THR A 249 8.24 23.57 -2.72
CA THR A 249 8.31 25.01 -2.50
C THR A 249 7.16 25.40 -1.57
N GLU A 250 7.05 26.71 -1.31
CA GLU A 250 6.02 27.24 -0.44
C GLU A 250 4.62 27.02 -1.03
N ASP A 251 4.55 26.73 -2.33
CA ASP A 251 3.27 26.56 -2.99
C ASP A 251 2.87 25.09 -3.09
N SER A 252 3.76 24.17 -2.70
CA SER A 252 3.54 22.74 -2.92
C SER A 252 2.59 22.15 -1.89
N LEU A 253 1.96 21.01 -2.24
CA LEU A 253 1.27 20.18 -1.26
C LEU A 253 1.82 18.76 -1.36
N LEU A 254 1.76 18.05 -0.22
CA LEU A 254 2.17 16.68 -0.07
C LEU A 254 0.95 15.89 0.40
N PHE A 255 0.60 14.81 -0.32
CA PHE A 255 -0.51 13.95 0.03
C PHE A 255 0.01 12.55 0.30
N VAL A 256 -0.32 12.03 1.50
CA VAL A 256 0.12 10.69 1.90
C VAL A 256 -1.13 9.83 2.16
N ASP A 257 -1.11 8.59 1.66
CA ASP A 257 -2.16 7.62 1.95
C ASP A 257 -1.44 6.40 2.52
N HIS A 258 -1.88 5.90 3.68
CA HIS A 258 -1.18 4.75 4.25
C HIS A 258 -2.17 3.84 4.98
N ILE A 259 -1.89 2.52 4.93
CA ILE A 259 -2.65 1.58 5.72
C ILE A 259 -2.42 1.94 7.19
N CYS A 260 -3.48 1.78 8.00
CA CYS A 260 -3.37 2.20 9.39
C CYS A 260 -4.22 1.32 10.29
N HIS A 261 -4.02 1.47 11.61
CA HIS A 261 -5.06 1.10 12.57
C HIS A 261 -5.61 2.42 13.13
N LYS A 262 -6.89 2.49 13.46
CA LYS A 262 -7.46 3.77 13.85
C LYS A 262 -6.89 4.27 15.18
N THR A 263 -6.40 3.36 16.03
CA THR A 263 -6.06 3.71 17.41
C THR A 263 -4.56 3.62 17.70
N PHE A 264 -3.90 2.55 17.25
CA PHE A 264 -2.51 2.33 17.62
C PHE A 264 -1.65 1.99 16.41
N SER A 265 -0.32 2.02 16.60
CA SER A 265 0.65 1.64 15.59
C SER A 265 1.21 0.26 15.93
N HIS A 266 1.70 -0.46 14.91
CA HIS A 266 2.44 -1.69 15.18
C HIS A 266 3.32 -2.04 13.98
N HIS A 267 4.44 -2.70 14.26
CA HIS A 267 5.17 -3.36 13.18
C HIS A 267 4.35 -4.58 12.76
N PHE A 268 4.42 -4.89 11.46
CA PHE A 268 3.74 -6.07 10.94
C PHE A 268 4.67 -7.26 11.17
N GLU A 269 4.44 -7.96 12.27
CA GLU A 269 5.35 -9.02 12.71
C GLU A 269 4.60 -9.90 13.71
N ALA A 270 5.19 -11.07 13.98
CA ALA A 270 4.53 -12.10 14.79
C ALA A 270 4.20 -11.55 16.17
N ILE A 271 2.93 -11.74 16.55
CA ILE A 271 2.39 -11.27 17.81
C ILE A 271 2.85 -12.19 18.94
N ASP A 272 3.11 -13.47 18.59
CA ASP A 272 3.64 -14.49 19.48
C ASP A 272 4.12 -15.68 18.65
N GLU A 273 4.40 -16.82 19.31
CA GLU A 273 4.97 -17.97 18.64
C GLU A 273 3.91 -18.77 17.89
N ASP A 274 2.63 -18.48 18.14
CA ASP A 274 1.52 -19.11 17.44
C ASP A 274 1.19 -18.37 16.14
N ASP A 275 1.88 -17.25 15.87
CA ASP A 275 1.62 -16.47 14.67
C ASP A 275 2.52 -16.93 13.52
N TRP A 276 1.97 -17.82 12.69
CA TRP A 276 2.65 -18.30 11.49
C TRP A 276 2.45 -17.32 10.33
N TYR A 277 1.47 -16.42 10.47
CA TYR A 277 0.98 -15.64 9.34
C TYR A 277 1.88 -14.45 9.05
N SER A 278 2.17 -13.65 10.09
CA SER A 278 2.79 -12.34 9.85
C SER A 278 4.12 -12.47 9.10
N GLY A 279 4.94 -13.44 9.54
CA GLY A 279 6.27 -13.64 9.02
C GLY A 279 6.25 -14.40 7.68
N PHE A 280 5.16 -15.11 7.43
CA PHE A 280 4.97 -15.72 6.12
C PHE A 280 4.75 -14.64 5.07
N ILE A 281 3.96 -13.62 5.41
CA ILE A 281 3.58 -12.57 4.48
C ILE A 281 4.75 -11.64 4.24
N PHE A 282 5.38 -11.18 5.33
CA PHE A 282 6.57 -10.35 5.22
C PHE A 282 7.68 -11.01 6.02
N PRO A 283 8.48 -11.91 5.39
CA PRO A 283 9.57 -12.61 6.08
C PRO A 283 10.63 -11.68 6.68
N LYS A 284 10.52 -10.39 6.40
CA LYS A 284 11.42 -9.39 6.97
C LYS A 284 10.61 -8.40 7.81
N GLY A 285 11.30 -7.71 8.73
CA GLY A 285 10.70 -6.62 9.50
C GLY A 285 10.74 -5.31 8.72
N CYS A 286 9.89 -5.20 7.69
CA CYS A 286 10.02 -4.13 6.72
C CYS A 286 8.74 -3.31 6.57
N VAL A 287 7.64 -3.74 7.21
CA VAL A 287 6.35 -3.08 7.09
C VAL A 287 5.88 -2.59 8.46
N THR A 288 5.57 -1.29 8.54
CA THR A 288 5.00 -0.70 9.75
C THR A 288 3.60 -0.21 9.44
N ILE A 289 2.65 -0.54 10.33
CA ILE A 289 1.29 -0.01 10.27
C ILE A 289 1.17 1.13 11.27
N LEU A 290 1.22 2.37 10.76
CA LEU A 290 1.06 3.54 11.61
C LEU A 290 -0.39 3.65 12.05
N SER A 291 -0.59 4.21 13.25
CA SER A 291 -1.94 4.60 13.63
C SER A 291 -2.45 5.68 12.68
N ALA A 292 -3.77 5.92 12.71
CA ALA A 292 -4.38 6.95 11.87
C ALA A 292 -3.88 8.36 12.21
N SER A 293 -3.27 8.54 13.40
N SER A 293 -3.27 8.54 13.40
CA SER A 293 -2.82 9.87 13.79
CA SER A 293 -2.82 9.86 13.80
C SER A 293 -1.29 9.97 13.85
C SER A 293 -1.30 9.94 13.96
N ALA A 294 -0.57 8.87 13.64
CA ALA A 294 0.88 8.82 13.86
C ALA A 294 1.60 9.94 13.12
N LEU A 295 1.22 10.23 11.87
CA LEU A 295 1.97 11.22 11.13
C LEU A 295 1.79 12.64 11.64
N LEU A 296 0.78 12.88 12.51
CA LEU A 296 0.61 14.18 13.13
C LEU A 296 1.84 14.52 13.98
N TYR A 297 2.58 13.50 14.40
CA TYR A 297 3.76 13.72 15.24
C TYR A 297 5.02 13.83 14.41
N PHE A 298 4.87 13.94 13.08
CA PHE A 298 6.02 14.07 12.19
C PHE A 298 5.91 15.36 11.38
N GLN A 299 5.66 16.47 12.09
CA GLN A 299 5.51 17.78 11.47
C GLN A 299 6.71 18.69 11.77
N ASP A 300 7.90 18.10 11.84
CA ASP A 300 9.14 18.89 11.94
C ASP A 300 9.32 19.79 10.71
N ASP A 301 8.97 19.28 9.53
CA ASP A 301 9.38 19.86 8.25
C ASP A 301 8.19 20.16 7.34
N VAL A 302 7.02 19.60 7.68
CA VAL A 302 5.79 19.84 6.94
C VAL A 302 4.69 20.14 7.96
N THR A 303 3.59 20.75 7.51
CA THR A 303 2.52 21.18 8.40
C THR A 303 1.20 20.64 7.86
N ILE A 304 0.38 20.02 8.72
CA ILE A 304 -0.86 19.39 8.29
C ILE A 304 -1.90 20.44 7.89
N LEU A 305 -2.65 20.15 6.81
CA LEU A 305 -3.77 20.96 6.36
C LEU A 305 -5.08 20.17 6.45
N ASP A 306 -5.04 18.86 6.19
CA ASP A 306 -6.28 18.10 6.28
C ASP A 306 -5.93 16.63 6.53
N HIS A 307 -6.94 15.88 6.97
CA HIS A 307 -6.75 14.54 7.53
C HIS A 307 -8.06 13.79 7.35
N TRP A 308 -8.00 12.58 6.76
CA TRP A 308 -9.16 11.74 6.54
C TRP A 308 -8.80 10.29 6.87
N VAL A 309 -9.83 9.45 7.07
CA VAL A 309 -9.60 8.03 6.86
C VAL A 309 -10.70 7.50 5.94
N VAL A 310 -10.38 6.38 5.28
CA VAL A 310 -11.30 5.62 4.46
C VAL A 310 -11.52 4.28 5.17
N ASN A 311 -12.79 3.96 5.46
CA ASN A 311 -13.18 2.74 6.15
C ASN A 311 -12.55 1.50 5.52
N GLY A 312 -12.19 0.51 6.34
CA GLY A 312 -11.41 -0.65 5.91
C GLY A 312 -12.13 -1.57 4.93
N MET A 313 -13.47 -1.46 4.82
CA MET A 313 -14.20 -2.33 3.89
C MET A 313 -13.75 -2.09 2.45
N HIS A 314 -13.30 -0.87 2.14
CA HIS A 314 -12.80 -0.61 0.80
C HIS A 314 -11.56 -1.44 0.52
N MET A 315 -10.62 -1.44 1.46
CA MET A 315 -9.44 -2.27 1.29
C MET A 315 -9.81 -3.75 1.26
N ALA A 316 -10.76 -4.15 2.12
CA ALA A 316 -11.21 -5.54 2.17
C ALA A 316 -11.76 -5.98 0.82
N ARG A 317 -12.54 -5.10 0.17
N ARG A 317 -12.57 -5.11 0.20
CA ARG A 317 -13.14 -5.40 -1.11
CA ARG A 317 -13.14 -5.39 -1.11
C ARG A 317 -12.08 -5.43 -2.21
C ARG A 317 -12.03 -5.49 -2.16
N SER A 318 -10.98 -4.67 -2.00
CA SER A 318 -9.87 -4.64 -2.94
C SER A 318 -9.17 -5.99 -2.95
N VAL A 319 -8.79 -6.47 -1.76
CA VAL A 319 -8.03 -7.72 -1.67
C VAL A 319 -8.93 -8.90 -2.05
N ASP A 320 -10.23 -8.79 -1.75
CA ASP A 320 -11.20 -9.81 -2.14
C ASP A 320 -11.26 -9.92 -3.67
N ALA A 321 -11.32 -8.77 -4.35
CA ALA A 321 -11.35 -8.74 -5.82
C ALA A 321 -10.09 -9.38 -6.39
N TRP A 322 -8.92 -9.06 -5.82
CA TRP A 322 -7.66 -9.65 -6.27
C TRP A 322 -7.68 -11.17 -6.09
N ARG A 323 -8.15 -11.63 -4.92
CA ARG A 323 -8.18 -13.04 -4.60
C ARG A 323 -9.08 -13.77 -5.59
N LYS A 324 -10.26 -13.21 -5.85
CA LYS A 324 -11.23 -13.86 -6.73
C LYS A 324 -10.73 -13.92 -8.17
N LYS A 325 -10.05 -12.84 -8.61
CA LYS A 325 -9.52 -12.75 -9.96
C LYS A 325 -8.38 -13.74 -10.14
N LEU A 326 -7.45 -13.79 -9.18
CA LEU A 326 -6.38 -14.79 -9.17
C LEU A 326 -6.97 -16.20 -9.27
N ASP A 327 -7.98 -16.50 -8.45
CA ASP A 327 -8.63 -17.80 -8.43
C ASP A 327 -9.24 -18.13 -9.80
N LYS A 328 -9.85 -17.13 -10.45
CA LYS A 328 -10.50 -17.33 -11.75
C LYS A 328 -9.44 -17.67 -12.80
N ASN A 329 -8.29 -17.00 -12.71
CA ASN A 329 -7.23 -17.12 -13.71
C ASN A 329 -6.12 -18.02 -13.20
N MET A 330 -6.48 -18.99 -12.35
CA MET A 330 -5.49 -19.77 -11.63
C MET A 330 -4.62 -20.56 -12.61
N GLU A 331 -5.27 -21.21 -13.58
CA GLU A 331 -4.56 -22.05 -14.53
C GLU A 331 -3.58 -21.20 -15.35
N LEU A 332 -4.09 -20.09 -15.89
CA LEU A 332 -3.29 -19.16 -16.67
C LEU A 332 -2.11 -18.65 -15.83
N ALA A 333 -2.37 -18.27 -14.57
CA ALA A 333 -1.35 -17.74 -13.69
C ALA A 333 -0.21 -18.74 -13.55
N ARG A 334 -0.56 -20.02 -13.34
CA ARG A 334 0.43 -21.06 -13.12
C ARG A 334 1.29 -21.26 -14.37
N GLU A 335 0.67 -21.10 -15.55
CA GLU A 335 1.38 -21.22 -16.82
C GLU A 335 2.37 -20.06 -16.97
N ILE A 336 1.95 -18.84 -16.60
CA ILE A 336 2.77 -17.64 -16.77
C ILE A 336 4.03 -17.75 -15.90
N LEU A 337 3.86 -18.25 -14.68
CA LEU A 337 4.92 -18.20 -13.68
C LEU A 337 5.97 -19.29 -13.89
N LEU A 338 5.57 -20.39 -14.54
CA LEU A 338 6.38 -21.61 -14.58
C LEU A 338 7.77 -21.35 -15.17
N PRO A 339 7.90 -20.72 -16.37
CA PRO A 339 9.22 -20.39 -16.91
C PRO A 339 10.18 -19.75 -15.91
N GLY A 340 9.73 -18.68 -15.24
CA GLY A 340 10.61 -17.86 -14.44
C GLY A 340 10.94 -18.49 -13.09
N LEU A 341 10.14 -19.49 -12.68
CA LEU A 341 10.22 -20.04 -11.33
C LEU A 341 10.87 -21.42 -11.33
N GLY A 342 10.67 -22.19 -12.43
CA GLY A 342 11.46 -23.39 -12.65
C GLY A 342 10.73 -24.70 -12.33
N SER A 343 9.69 -24.64 -11.49
CA SER A 343 8.96 -25.84 -11.09
C SER A 343 7.55 -25.48 -10.64
N LYS A 344 6.62 -26.45 -10.79
CA LYS A 344 5.24 -26.29 -10.36
C LYS A 344 5.19 -26.02 -8.86
N GLU A 345 6.21 -26.48 -8.11
CA GLU A 345 6.24 -26.39 -6.67
C GLU A 345 6.56 -24.95 -6.24
N ALA A 346 7.54 -24.34 -6.90
CA ALA A 346 7.89 -22.95 -6.66
C ALA A 346 6.72 -22.05 -7.06
N VAL A 347 6.06 -22.39 -8.17
CA VAL A 347 4.89 -21.68 -8.65
C VAL A 347 3.81 -21.70 -7.58
N ASN A 348 3.48 -22.89 -7.07
CA ASN A 348 2.47 -23.07 -6.05
C ASN A 348 2.81 -22.23 -4.82
N GLY A 349 4.10 -22.13 -4.51
CA GLY A 349 4.58 -21.40 -3.34
C GLY A 349 4.31 -19.90 -3.48
N VAL A 350 4.54 -19.37 -4.68
CA VAL A 350 4.35 -17.95 -4.93
C VAL A 350 2.85 -17.64 -4.89
N ILE A 351 2.05 -18.51 -5.51
CA ILE A 351 0.61 -18.34 -5.57
C ILE A 351 0.00 -18.42 -4.16
N THR A 352 0.49 -19.37 -3.35
CA THR A 352 -0.04 -19.53 -2.01
C THR A 352 0.25 -18.27 -1.20
N HIS A 353 1.44 -17.72 -1.37
CA HIS A 353 1.86 -16.52 -0.66
C HIS A 353 0.90 -15.37 -0.97
N ILE A 354 0.64 -15.15 -2.27
CA ILE A 354 -0.18 -14.01 -2.69
C ILE A 354 -1.62 -14.23 -2.29
N ARG A 355 -2.12 -15.46 -2.45
CA ARG A 355 -3.52 -15.75 -2.15
C ARG A 355 -3.76 -15.59 -0.65
N THR A 356 -2.81 -16.04 0.16
CA THR A 356 -2.94 -15.96 1.62
C THR A 356 -2.90 -14.51 2.07
N PHE A 357 -2.04 -13.71 1.40
CA PHE A 357 -1.98 -12.28 1.66
C PHE A 357 -3.35 -11.65 1.49
N CYS A 358 -4.07 -12.02 0.42
CA CYS A 358 -5.40 -11.49 0.17
C CYS A 358 -6.41 -12.02 1.19
N MET A 359 -6.35 -13.31 1.51
CA MET A 359 -7.27 -13.90 2.48
C MET A 359 -7.08 -13.24 3.86
N GLY A 360 -5.83 -13.03 4.25
CA GLY A 360 -5.50 -12.44 5.53
C GLY A 360 -5.87 -10.96 5.56
N GLY A 361 -5.58 -10.25 4.48
CA GLY A 361 -5.91 -8.83 4.35
C GLY A 361 -7.42 -8.63 4.48
N TYR A 362 -8.18 -9.58 3.94
CA TYR A 362 -9.63 -9.54 4.05
C TYR A 362 -10.06 -9.51 5.52
N GLU A 363 -9.51 -10.44 6.33
CA GLU A 363 -9.88 -10.52 7.74
C GLU A 363 -9.41 -9.28 8.49
N GLN A 364 -8.21 -8.80 8.16
CA GLN A 364 -7.64 -7.63 8.81
C GLN A 364 -8.53 -6.40 8.58
N PHE A 365 -8.85 -6.11 7.32
CA PHE A 365 -9.47 -4.83 6.99
C PHE A 365 -10.98 -4.87 7.20
N SER A 366 -11.58 -6.07 7.12
CA SER A 366 -13.02 -6.17 7.32
C SER A 366 -13.37 -6.26 8.80
N TYR A 367 -12.38 -6.41 9.68
CA TYR A 367 -12.61 -6.60 11.11
C TYR A 367 -13.54 -5.50 11.63
N ASN A 368 -14.60 -5.88 12.36
CA ASN A 368 -15.53 -4.91 12.92
C ASN A 368 -16.04 -3.95 11.85
N ASN A 369 -16.41 -4.50 10.68
CA ASN A 369 -17.00 -3.73 9.59
C ASN A 369 -16.11 -2.57 9.15
N GLY A 370 -14.79 -2.79 9.14
CA GLY A 370 -13.87 -1.81 8.58
C GLY A 370 -13.40 -0.76 9.59
N GLU A 371 -13.75 -0.94 10.88
CA GLU A 371 -13.47 0.07 11.89
C GLU A 371 -12.29 -0.28 12.80
N GLU A 372 -11.35 -1.09 12.30
CA GLU A 372 -10.11 -1.36 13.02
C GLU A 372 -8.94 -0.93 12.14
N TRP A 373 -8.58 -1.80 11.18
CA TRP A 373 -7.58 -1.43 10.18
C TRP A 373 -8.27 -0.77 8.98
N MET A 374 -7.65 0.30 8.48
CA MET A 374 -8.29 1.11 7.46
C MET A 374 -7.19 1.87 6.72
N VAL A 375 -7.56 2.94 6.01
CA VAL A 375 -6.60 3.73 5.27
C VAL A 375 -6.66 5.17 5.76
N ALA A 376 -5.49 5.73 6.10
CA ALA A 376 -5.38 7.13 6.52
C ALA A 376 -4.85 7.97 5.37
N GLN A 377 -5.33 9.22 5.29
CA GLN A 377 -4.82 10.14 4.29
C GLN A 377 -4.58 11.49 4.97
N MET A 378 -3.48 12.14 4.59
CA MET A 378 -3.17 13.45 5.12
C MET A 378 -2.66 14.34 4.00
N LEU A 379 -2.98 15.64 4.13
CA LEU A 379 -2.50 16.67 3.22
C LEU A 379 -1.63 17.64 4.03
N PHE A 380 -0.43 17.94 3.49
CA PHE A 380 0.50 18.82 4.18
C PHE A 380 1.03 19.90 3.26
N LYS A 381 1.46 21.01 3.85
CA LYS A 381 2.29 21.98 3.17
C LYS A 381 3.68 21.97 3.81
N LYS A 382 4.64 22.62 3.13
CA LYS A 382 5.99 22.76 3.67
C LYS A 382 5.95 23.75 4.84
N LYS A 383 6.78 23.48 5.86
CA LYS A 383 6.93 24.35 7.01
C LYS A 383 6.91 25.83 6.55
#